data_5ORN
#
_entry.id   5ORN
#
_cell.length_a   82.380
_cell.length_b   82.380
_cell.length_c   175.990
_cell.angle_alpha   90.000
_cell.angle_beta   90.000
_cell.angle_gamma   120.000
#
_symmetry.space_group_name_H-M   'P 61 2 2'
#
loop_
_entity.id
_entity.type
_entity.pdbx_description
1 polymer 'Aurora kinase A'
2 non-polymer "ADENOSINE-5'-DIPHOSPHATE"
3 non-polymer 'MAGNESIUM ION'
4 non-polymer 3-thiophen-2-yl-4,5-dihydro-1~{H}-pyridazin-6-one
5 water water
#
_entity_poly.entity_id   1
_entity_poly.type   'polypeptide(L)'
_entity_poly.pdbx_seq_one_letter_code
;QWALEDFEIGRPLGKGKFGNVYLAREKQSKFILALKVLFKAQLEKAGVEHQLRREVEIQSHLRHPNILRLYGYFHDATRV
YLILEYAPLGTVYRELQKLSKFDEQRTATYITELANALSYCHSKRVIHRDIKPENLLLGSAGELKIADFGWSVHAPSSRR
T(TPO)LAGTLDYLPPEMIEGRMHDEKVDLWSLGVLCYEFLVGKPPFEANTYQETYKRISRVEFTFPDFVTEGARDLISR
LLKHNPSQRPMLREVLEHPWITANSSKPS
;
_entity_poly.pdbx_strand_id   A
#
loop_
_chem_comp.id
_chem_comp.type
_chem_comp.name
_chem_comp.formula
A5E non-polymer 3-thiophen-2-yl-4,5-dihydro-1~{H}-pyridazin-6-one 'C8 H8 N2 O S'
ADP non-polymer ADENOSINE-5'-DIPHOSPHATE 'C10 H15 N5 O10 P2'
MG non-polymer 'MAGNESIUM ION' 'Mg 2'
#
# COMPACT_ATOMS: atom_id res chain seq x y z
N GLN A 1 -17.59 12.79 -20.19
CA GLN A 1 -16.36 13.34 -20.76
C GLN A 1 -15.59 12.24 -21.51
N TRP A 2 -14.52 11.70 -20.92
CA TRP A 2 -13.73 10.68 -21.62
C TRP A 2 -14.49 9.37 -21.85
N ALA A 3 -14.04 8.63 -22.87
CA ALA A 3 -14.57 7.32 -23.23
C ALA A 3 -13.45 6.45 -23.79
N LEU A 4 -13.72 5.16 -23.99
CA LEU A 4 -12.69 4.19 -24.43
C LEU A 4 -12.05 4.61 -25.75
N GLU A 5 -12.88 5.21 -26.61
CA GLU A 5 -12.46 5.65 -27.94
C GLU A 5 -11.33 6.67 -27.90
N ASP A 6 -11.16 7.35 -26.77
CA ASP A 6 -10.12 8.36 -26.67
C ASP A 6 -8.72 7.77 -26.46
N PHE A 7 -8.61 6.46 -26.31
CA PHE A 7 -7.34 5.86 -25.90
C PHE A 7 -6.85 4.72 -26.77
N GLU A 8 -5.56 4.71 -27.08
CA GLU A 8 -4.93 3.52 -27.61
C GLU A 8 -4.45 2.66 -26.44
N ILE A 9 -4.80 1.38 -26.49
CA ILE A 9 -4.46 0.44 -25.42
C ILE A 9 -3.22 -0.39 -25.77
N GLY A 10 -2.32 -0.54 -24.80
CA GLY A 10 -1.09 -1.30 -24.97
C GLY A 10 -1.04 -2.55 -24.09
N ARG A 11 0.15 -2.93 -23.64
CA ARG A 11 0.26 -4.17 -22.88
C ARG A 11 -0.25 -4.03 -21.45
N PRO A 12 -0.77 -5.13 -20.88
CA PRO A 12 -1.20 -5.25 -19.49
C PRO A 12 -0.06 -4.90 -18.54
N LEU A 13 -0.33 -4.03 -17.58
CA LEU A 13 0.66 -3.67 -16.58
C LEU A 13 0.61 -4.59 -15.38
N GLY A 14 -0.58 -5.11 -15.08
CA GLY A 14 -0.76 -5.99 -13.92
C GLY A 14 -2.20 -6.39 -13.70
N LYS A 15 -2.44 -7.35 -12.82
CA LYS A 15 -3.79 -7.80 -12.51
C LYS A 15 -4.08 -7.79 -11.01
N GLY A 16 -5.30 -7.39 -10.65
CA GLY A 16 -5.76 -7.51 -9.28
C GLY A 16 -7.11 -8.18 -9.24
N LYS A 17 -7.63 -8.41 -8.03
CA LYS A 17 -8.93 -9.05 -7.82
C LYS A 17 -10.02 -8.60 -8.78
N PHE A 18 -10.16 -7.28 -8.93
CA PHE A 18 -11.15 -6.72 -9.86
C PHE A 18 -10.43 -6.04 -11.00
N GLY A 19 -9.40 -5.28 -10.62
CA GLY A 19 -8.61 -4.50 -11.54
C GLY A 19 -7.76 -5.28 -12.52
N ASN A 20 -7.79 -4.81 -13.74
CA ASN A 20 -6.90 -5.27 -14.79
C ASN A 20 -6.31 -4.02 -15.38
N VAL A 21 -5.01 -3.84 -15.20
CA VAL A 21 -4.43 -2.53 -15.47
C VAL A 21 -3.59 -2.55 -16.74
N TYR A 22 -3.89 -1.59 -17.62
CA TYR A 22 -3.29 -1.53 -18.95
C TYR A 22 -2.51 -0.25 -19.18
N LEU A 23 -1.45 -0.36 -19.96
CA LEU A 23 -0.77 0.82 -20.47
C LEU A 23 -1.61 1.44 -21.58
N ALA A 24 -1.70 2.77 -21.59
CA ALA A 24 -2.51 3.45 -22.61
C ALA A 24 -1.99 4.83 -22.97
N ARG A 25 -2.33 5.28 -24.18
CA ARG A 25 -1.99 6.62 -24.66
C ARG A 25 -3.24 7.34 -25.18
N GLU A 26 -3.48 8.54 -24.67
CA GLU A 26 -4.65 9.32 -25.08
C GLU A 26 -4.42 9.92 -26.46
N LYS A 27 -5.34 9.67 -27.39
CA LYS A 27 -5.08 9.92 -28.81
C LYS A 27 -4.65 11.33 -29.25
N GLN A 28 -5.30 12.38 -28.76
CA GLN A 28 -4.95 13.70 -29.30
C GLN A 28 -3.78 14.35 -28.57
N SER A 29 -3.61 14.03 -27.29
CA SER A 29 -2.53 14.60 -26.49
C SER A 29 -1.25 13.76 -26.52
N LYS A 30 -1.38 12.49 -26.91
CA LYS A 30 -0.30 11.50 -26.80
C LYS A 30 0.17 11.32 -25.34
N PHE A 31 -0.68 11.67 -24.38
CA PHE A 31 -0.38 11.48 -22.96
C PHE A 31 -0.42 10.01 -22.56
N ILE A 32 0.64 9.54 -21.91
CA ILE A 32 0.75 8.16 -21.43
C ILE A 32 0.25 8.02 -20.00
N LEU A 33 -0.51 6.96 -19.74
CA LEU A 33 -1.14 6.77 -18.44
C LEU A 33 -1.48 5.30 -18.24
N ALA A 34 -2.04 4.98 -17.08
CA ALA A 34 -2.48 3.62 -16.81
C ALA A 34 -4.00 3.57 -16.64
N LEU A 35 -4.63 2.64 -17.35
CA LEU A 35 -6.08 2.48 -17.33
C LEU A 35 -6.47 1.26 -16.50
N LYS A 36 -7.14 1.48 -15.37
CA LYS A 36 -7.56 0.38 -14.50
C LYS A 36 -9.00 -0.01 -14.82
N VAL A 37 -9.20 -1.24 -15.26
CA VAL A 37 -10.51 -1.71 -15.69
C VAL A 37 -11.19 -2.55 -14.62
N LEU A 38 -12.45 -2.22 -14.32
CA LEU A 38 -13.23 -2.99 -13.37
C LEU A 38 -14.52 -3.47 -14.02
N PHE A 39 -14.85 -4.74 -13.81
CA PHE A 39 -16.07 -5.30 -14.36
C PHE A 39 -17.25 -5.04 -13.42
N LYS A 40 -18.26 -4.35 -13.95
CA LYS A 40 -19.43 -3.97 -13.16
C LYS A 40 -20.10 -5.17 -12.50
N ALA A 41 -20.24 -6.27 -13.24
CA ALA A 41 -20.90 -7.47 -12.71
C ALA A 41 -20.19 -7.98 -11.46
N GLN A 42 -18.86 -7.91 -11.48
CA GLN A 42 -18.02 -8.45 -10.42
C GLN A 42 -18.10 -7.58 -9.17
N LEU A 43 -18.01 -6.27 -9.40
CA LEU A 43 -18.20 -5.27 -8.35
C LEU A 43 -19.55 -5.49 -7.66
N GLU A 44 -20.59 -5.62 -8.46
CA GLU A 44 -21.93 -5.83 -7.91
C GLU A 44 -22.04 -7.17 -7.18
N LYS A 45 -21.58 -8.26 -7.79
CA LYS A 45 -21.64 -9.56 -7.09
C LYS A 45 -21.00 -9.43 -5.72
N ALA A 46 -19.83 -8.80 -5.67
CA ALA A 46 -19.09 -8.66 -4.41
C ALA A 46 -19.64 -7.53 -3.53
N GLY A 47 -20.44 -6.66 -4.10
CA GLY A 47 -21.02 -5.56 -3.35
C GLY A 47 -20.03 -4.54 -2.79
N VAL A 48 -19.02 -4.19 -3.59
CA VAL A 48 -18.03 -3.21 -3.14
C VAL A 48 -18.11 -1.90 -3.91
N GLU A 49 -19.31 -1.56 -4.36
CA GLU A 49 -19.56 -0.26 -4.99
C GLU A 49 -19.03 0.89 -4.12
N HIS A 50 -19.25 0.78 -2.82
CA HIS A 50 -18.83 1.82 -1.87
C HIS A 50 -17.31 1.99 -1.81
N GLN A 51 -16.57 0.88 -1.94
CA GLN A 51 -15.11 0.94 -1.92
C GLN A 51 -14.60 1.70 -3.15
N LEU A 52 -15.19 1.43 -4.31
CA LEU A 52 -14.84 2.11 -5.54
C LEU A 52 -15.02 3.64 -5.43
N ARG A 53 -16.15 4.10 -4.87
CA ARG A 53 -16.38 5.53 -4.72
C ARG A 53 -15.35 6.15 -3.77
N ARG A 54 -15.09 5.46 -2.66
CA ARG A 54 -14.03 5.82 -1.74
C ARG A 54 -12.68 5.96 -2.45
N GLU A 55 -12.33 4.98 -3.28
CA GLU A 55 -11.07 5.00 -4.02
C GLU A 55 -10.96 6.28 -4.86
N VAL A 56 -12.01 6.54 -5.63
CA VAL A 56 -12.05 7.69 -6.53
C VAL A 56 -12.08 9.02 -5.77
N GLU A 57 -12.98 9.15 -4.80
CA GLU A 57 -13.07 10.38 -4.00
C GLU A 57 -11.76 10.70 -3.29
N ILE A 58 -11.25 9.77 -2.50
CA ILE A 58 -10.05 10.03 -1.71
C ILE A 58 -8.82 10.33 -2.56
N GLN A 59 -8.52 9.46 -3.52
CA GLN A 59 -7.27 9.54 -4.27
C GLN A 59 -7.20 10.77 -5.19
N SER A 60 -8.34 11.18 -5.76
CA SER A 60 -8.34 12.27 -6.74
C SER A 60 -7.98 13.61 -6.12
N HIS A 61 -8.17 13.72 -4.80
CA HIS A 61 -8.04 14.97 -4.11
C HIS A 61 -6.70 15.11 -3.37
N LEU A 62 -6.06 13.97 -3.12
CA LEU A 62 -4.71 13.97 -2.55
C LEU A 62 -3.67 14.46 -3.57
N ARG A 63 -2.70 15.24 -3.11
CA ARG A 63 -1.55 15.64 -3.93
C ARG A 63 -0.26 15.56 -3.10
N HIS A 64 0.60 14.60 -3.45
CA HIS A 64 1.88 14.39 -2.77
C HIS A 64 2.75 13.57 -3.72
N PRO A 65 4.07 13.87 -3.78
CA PRO A 65 4.96 13.22 -4.73
C PRO A 65 5.11 11.70 -4.51
N ASN A 66 4.83 11.24 -3.30
CA ASN A 66 4.92 9.83 -2.98
C ASN A 66 3.55 9.16 -2.94
N ILE A 67 2.56 9.79 -3.56
CA ILE A 67 1.23 9.20 -3.73
C ILE A 67 0.82 9.25 -5.21
N LEU A 68 0.37 8.12 -5.74
CA LEU A 68 -0.03 8.01 -7.15
C LEU A 68 -1.26 8.87 -7.48
N ARG A 69 -1.19 9.63 -8.56
CA ARG A 69 -2.33 10.49 -8.97
C ARG A 69 -3.47 9.70 -9.61
N LEU A 70 -4.71 10.10 -9.30
CA LEU A 70 -5.88 9.63 -10.02
C LEU A 70 -6.55 10.83 -10.72
N TYR A 71 -6.59 10.77 -12.05
CA TYR A 71 -7.00 11.91 -12.87
C TYR A 71 -8.50 11.95 -13.20
N GLY A 72 -9.15 10.78 -13.23
CA GLY A 72 -10.54 10.72 -13.63
C GLY A 72 -11.06 9.30 -13.84
N TYR A 73 -12.25 9.20 -14.41
CA TYR A 73 -12.93 7.91 -14.58
C TYR A 73 -14.07 8.03 -15.59
N PHE A 74 -14.45 6.91 -16.19
CA PHE A 74 -15.66 6.83 -17.02
C PHE A 74 -16.19 5.39 -16.94
N HIS A 75 -17.32 5.09 -17.58
CA HIS A 75 -17.86 3.73 -17.56
C HIS A 75 -18.70 3.45 -18.80
N ASP A 76 -19.11 2.19 -19.01
CA ASP A 76 -19.64 1.83 -20.32
C ASP A 76 -20.57 0.63 -20.43
N ALA A 77 -21.37 0.38 -19.39
CA ALA A 77 -22.40 -0.66 -19.34
C ALA A 77 -21.85 -2.01 -18.89
N THR A 78 -20.61 -2.33 -19.24
CA THR A 78 -20.01 -3.52 -18.63
C THR A 78 -18.86 -3.17 -17.70
N ARG A 79 -18.20 -2.02 -17.91
CA ARG A 79 -16.99 -1.73 -17.16
C ARG A 79 -16.87 -0.32 -16.59
N VAL A 80 -16.03 -0.20 -15.56
CA VAL A 80 -15.62 1.08 -15.00
C VAL A 80 -14.10 1.25 -15.22
N TYR A 81 -13.70 2.45 -15.64
CA TYR A 81 -12.32 2.74 -16.02
C TYR A 81 -11.72 3.82 -15.12
N LEU A 82 -10.68 3.53 -14.35
CA LEU A 82 -10.01 4.60 -13.62
C LEU A 82 -8.77 5.07 -14.40
N ILE A 83 -8.61 6.39 -14.51
CA ILE A 83 -7.50 6.98 -15.23
C ILE A 83 -6.38 7.38 -14.26
N LEU A 84 -5.29 6.62 -14.28
CA LEU A 84 -4.21 6.77 -13.30
C LEU A 84 -2.89 7.27 -13.89
N GLU A 85 -2.10 7.90 -13.03
CA GLU A 85 -0.69 8.14 -13.30
C GLU A 85 0.03 6.81 -13.58
N TYR A 86 0.82 6.75 -14.66
CA TYR A 86 1.62 5.56 -14.98
C TYR A 86 2.93 5.56 -14.20
N ALA A 87 3.23 4.45 -13.53
CA ALA A 87 4.52 4.28 -12.85
C ALA A 87 5.42 3.34 -13.65
N PRO A 88 6.48 3.88 -14.27
CA PRO A 88 7.22 3.09 -15.28
C PRO A 88 8.18 2.04 -14.73
N LEU A 89 8.52 2.09 -13.44
CA LEU A 89 9.49 1.13 -12.92
C LEU A 89 8.84 -0.01 -12.11
N GLY A 90 7.51 -0.10 -12.17
CA GLY A 90 6.83 -1.28 -11.66
C GLY A 90 6.60 -1.30 -10.15
N THR A 91 6.39 -2.48 -9.59
CA THR A 91 6.06 -2.60 -8.17
C THR A 91 7.25 -2.93 -7.27
N VAL A 92 7.14 -2.54 -6.00
CA VAL A 92 8.12 -2.92 -5.00
C VAL A 92 8.14 -4.45 -4.84
N TYR A 93 6.95 -5.05 -4.97
CA TYR A 93 6.80 -6.51 -4.97
C TYR A 93 7.76 -7.16 -5.97
N ARG A 94 7.71 -6.73 -7.22
CA ARG A 94 8.56 -7.28 -8.27
C ARG A 94 10.04 -7.11 -7.95
N GLU A 95 10.38 -5.95 -7.38
CA GLU A 95 11.76 -5.61 -7.09
C GLU A 95 12.32 -6.50 -5.98
N LEU A 96 11.44 -6.93 -5.08
CA LEU A 96 11.78 -7.84 -4.01
C LEU A 96 11.94 -9.28 -4.50
N GLN A 97 11.14 -9.68 -5.48
CA GLN A 97 11.31 -11.00 -6.07
C GLN A 97 12.65 -11.07 -6.78
N LYS A 98 12.95 -10.02 -7.53
CA LYS A 98 14.21 -9.90 -8.25
C LYS A 98 15.42 -10.03 -7.30
N LEU A 99 15.47 -9.21 -6.24
CA LEU A 99 16.66 -9.15 -5.40
C LEU A 99 16.70 -10.01 -4.12
N SER A 100 15.56 -10.58 -3.71
CA SER A 100 15.41 -11.38 -2.46
C SER A 100 15.30 -10.56 -1.17
N LYS A 101 16.31 -9.73 -0.92
CA LYS A 101 16.34 -8.84 0.25
C LYS A 101 16.82 -7.47 -0.22
N PHE A 102 16.40 -6.40 0.45
CA PHE A 102 16.98 -5.09 0.19
C PHE A 102 18.09 -4.81 1.21
N ASP A 103 19.08 -4.01 0.84
CA ASP A 103 20.07 -3.64 1.84
C ASP A 103 19.50 -2.56 2.76
N GLU A 104 20.28 -2.14 3.74
CA GLU A 104 19.78 -1.24 4.77
C GLU A 104 19.51 0.15 4.21
N GLN A 105 20.29 0.57 3.22
CA GLN A 105 20.09 1.89 2.62
C GLN A 105 18.79 1.93 1.84
N ARG A 106 18.56 0.91 1.01
CA ARG A 106 17.36 0.84 0.22
C ARG A 106 16.11 0.76 1.09
N THR A 107 16.16 -0.09 2.12
CA THR A 107 15.07 -0.22 3.07
C THR A 107 14.70 1.09 3.77
N ALA A 108 15.68 1.74 4.39
CA ALA A 108 15.43 2.99 5.12
C ALA A 108 14.87 4.09 4.22
N THR A 109 15.37 4.16 2.99
CA THR A 109 14.91 5.16 2.02
C THR A 109 13.44 4.95 1.64
N TYR A 110 13.08 3.71 1.31
CA TYR A 110 11.68 3.35 1.10
C TYR A 110 10.82 3.69 2.34
N ILE A 111 11.30 3.36 3.55
CA ILE A 111 10.50 3.61 4.75
C ILE A 111 10.27 5.12 4.94
N THR A 112 11.26 5.94 4.59
CA THR A 112 11.12 7.40 4.68
C THR A 112 10.04 7.95 3.73
N GLU A 113 10.08 7.54 2.47
CA GLU A 113 9.10 8.00 1.48
C GLU A 113 7.68 7.59 1.86
N LEU A 114 7.56 6.38 2.39
CA LEU A 114 6.31 5.89 2.93
C LEU A 114 5.79 6.75 4.07
N ALA A 115 6.68 7.01 5.02
CA ALA A 115 6.30 7.73 6.23
C ALA A 115 5.88 9.15 5.85
N ASN A 116 6.59 9.75 4.90
CA ASN A 116 6.23 11.07 4.37
C ASN A 116 4.82 11.07 3.77
N ALA A 117 4.55 10.09 2.91
CA ALA A 117 3.25 10.03 2.24
C ALA A 117 2.13 9.73 3.22
N LEU A 118 2.39 8.84 4.18
CA LEU A 118 1.40 8.44 5.18
C LEU A 118 1.10 9.58 6.15
N SER A 119 2.14 10.32 6.52
CA SER A 119 1.99 11.51 7.35
C SER A 119 1.01 12.48 6.70
N TYR A 120 1.21 12.73 5.41
CA TYR A 120 0.31 13.58 4.62
C TYR A 120 -1.14 13.07 4.66
N CYS A 121 -1.32 11.77 4.44
CA CYS A 121 -2.65 11.14 4.50
C CYS A 121 -3.30 11.27 5.87
N HIS A 122 -2.52 11.00 6.91
CA HIS A 122 -3.07 10.97 8.26
C HIS A 122 -3.47 12.38 8.67
N SER A 123 -2.78 13.37 8.11
CA SER A 123 -3.09 14.78 8.34
C SER A 123 -4.48 15.19 7.80
N LYS A 124 -5.09 14.35 6.96
CA LYS A 124 -6.49 14.54 6.59
C LYS A 124 -7.32 13.40 7.14
N ARG A 125 -6.80 12.79 8.21
CA ARG A 125 -7.30 11.55 8.82
C ARG A 125 -7.90 10.56 7.82
N VAL A 126 -7.16 10.39 6.71
CA VAL A 126 -7.32 9.29 5.79
C VAL A 126 -6.39 8.16 6.22
N ILE A 127 -6.93 6.96 6.42
CA ILE A 127 -6.09 5.81 6.69
C ILE A 127 -6.19 4.88 5.47
N HIS A 128 -5.05 4.32 5.03
CA HIS A 128 -4.98 3.56 3.78
C HIS A 128 -5.47 2.12 3.94
N ARG A 129 -4.93 1.44 4.96
CA ARG A 129 -5.34 0.10 5.41
C ARG A 129 -4.94 -1.08 4.50
N ASP A 130 -4.24 -0.83 3.39
CA ASP A 130 -3.86 -1.93 2.49
C ASP A 130 -2.45 -1.71 1.94
N ILE A 131 -1.56 -1.30 2.83
CA ILE A 131 -0.17 -1.07 2.50
C ILE A 131 0.58 -2.39 2.39
N LYS A 132 1.04 -2.70 1.18
CA LYS A 132 1.79 -3.94 0.92
C LYS A 132 2.56 -3.81 -0.39
N PRO A 133 3.56 -4.68 -0.63
CA PRO A 133 4.46 -4.48 -1.78
C PRO A 133 3.78 -4.34 -3.17
N GLU A 134 2.71 -5.09 -3.46
CA GLU A 134 2.09 -4.97 -4.78
C GLU A 134 1.25 -3.70 -4.96
N ASN A 135 1.09 -2.91 -3.89
CA ASN A 135 0.43 -1.60 -4.00
C ASN A 135 1.40 -0.45 -3.81
N LEU A 136 2.69 -0.75 -3.87
CA LEU A 136 3.71 0.30 -3.84
C LEU A 136 4.39 0.32 -5.21
N LEU A 137 4.27 1.44 -5.92
CA LEU A 137 4.76 1.53 -7.29
C LEU A 137 5.99 2.45 -7.35
N LEU A 138 6.72 2.43 -8.47
CA LEU A 138 7.98 3.16 -8.59
C LEU A 138 7.99 4.14 -9.77
N GLY A 139 8.33 5.40 -9.48
CA GLY A 139 8.41 6.43 -10.52
C GLY A 139 9.68 6.32 -11.34
N SER A 140 9.89 7.28 -12.24
CA SER A 140 11.00 7.19 -13.20
C SER A 140 12.36 7.46 -12.56
N ALA A 141 12.35 7.99 -11.33
CA ALA A 141 13.59 8.16 -10.57
C ALA A 141 13.67 7.15 -9.43
N GLY A 142 12.88 6.09 -9.55
CA GLY A 142 12.87 5.04 -8.55
C GLY A 142 12.18 5.38 -7.24
N GLU A 143 11.51 6.53 -7.18
CA GLU A 143 10.85 6.93 -5.95
C GLU A 143 9.57 6.13 -5.72
N LEU A 144 9.32 5.78 -4.46
CA LEU A 144 8.16 5.00 -4.07
C LEU A 144 6.88 5.85 -4.16
N LYS A 145 5.79 5.23 -4.62
CA LYS A 145 4.48 5.89 -4.64
C LYS A 145 3.40 4.93 -4.13
N ILE A 146 2.63 5.36 -3.14
CA ILE A 146 1.53 4.56 -2.63
C ILE A 146 0.38 4.56 -3.62
N ALA A 147 -0.16 3.38 -3.92
CA ALA A 147 -1.30 3.26 -4.81
C ALA A 147 -2.38 2.41 -4.17
N ASP A 148 -3.43 2.14 -4.95
CA ASP A 148 -4.57 1.30 -4.55
C ASP A 148 -5.26 1.74 -3.26
N PHE A 149 -6.12 2.74 -3.38
CA PHE A 149 -6.83 3.30 -2.23
C PHE A 149 -8.22 2.68 -2.04
N GLY A 150 -8.45 1.54 -2.66
CA GLY A 150 -9.72 0.84 -2.56
C GLY A 150 -10.20 0.52 -1.15
N TRP A 151 -9.27 0.32 -0.22
CA TRP A 151 -9.63 -0.03 1.15
C TRP A 151 -9.57 1.17 2.11
N SER A 152 -9.24 2.35 1.61
CA SER A 152 -9.03 3.49 2.49
C SER A 152 -10.35 4.09 3.00
N VAL A 153 -10.26 4.91 4.06
CA VAL A 153 -11.40 5.47 4.82
C VAL A 153 -11.00 6.68 5.66
N HIS A 154 -11.94 7.22 6.44
CA HIS A 154 -11.63 8.20 7.50
C HIS A 154 -11.70 7.56 8.90
N ALA A 155 -10.81 7.95 9.80
CA ALA A 155 -10.78 7.41 11.16
C ALA A 155 -11.70 8.17 12.11
N PRO A 156 -12.19 7.51 13.18
CA PRO A 156 -12.06 6.09 13.53
C PRO A 156 -12.97 5.24 12.63
N SER A 157 -13.10 3.95 12.70
CA SER A 157 -13.93 3.37 11.62
C SER A 157 -14.33 2.14 12.26
N SER A 158 -15.10 1.14 11.74
CA SER A 158 -15.25 -0.39 12.02
C SER A 158 -14.95 -1.12 10.69
N ARG A 159 -14.68 -2.44 10.65
CA ARG A 159 -14.66 -3.09 9.33
C ARG A 159 -15.92 -3.87 9.13
N ARG A 160 -16.55 -3.74 7.97
CA ARG A 160 -17.68 -4.62 7.72
C ARG A 160 -17.59 -5.40 6.42
N THR A 161 -16.69 -5.07 5.50
CA THR A 161 -16.52 -6.02 4.41
C THR A 161 -15.44 -7.03 4.77
N TPO A 162 -15.65 -8.24 4.28
CA TPO A 162 -14.83 -9.44 4.50
CB TPO A 162 -15.51 -10.62 3.72
CG2 TPO A 162 -14.64 -11.89 3.78
OG1 TPO A 162 -16.83 -10.90 4.22
P TPO A 162 -18.05 -10.68 3.17
O1P TPO A 162 -18.12 -9.18 2.59
O2P TPO A 162 -18.00 -11.63 2.02
O3P TPO A 162 -19.44 -10.96 3.94
C TPO A 162 -13.38 -9.24 4.05
O TPO A 162 -13.14 -8.64 3.01
N LEU A 163 -12.39 -9.73 4.81
CA LEU A 163 -11.01 -9.70 4.30
C LEU A 163 -10.72 -10.98 3.54
N ALA A 164 -10.74 -10.83 2.21
CA ALA A 164 -10.69 -11.94 1.26
C ALA A 164 -9.41 -12.76 1.30
N GLY A 165 -8.29 -12.07 1.06
CA GLY A 165 -7.00 -12.71 0.83
C GLY A 165 -6.10 -12.78 2.05
N THR A 166 -4.94 -12.13 2.00
CA THR A 166 -3.94 -12.39 3.04
C THR A 166 -4.02 -11.47 4.25
N LEU A 167 -3.75 -12.08 5.40
CA LEU A 167 -3.71 -11.40 6.68
C LEU A 167 -2.37 -10.72 6.92
N ASP A 168 -1.37 -11.10 6.13
CA ASP A 168 0.03 -10.85 6.51
C ASP A 168 0.36 -9.41 6.93
N TYR A 169 -0.39 -8.42 6.43
CA TYR A 169 -0.05 -7.03 6.73
C TYR A 169 -1.00 -6.31 7.70
N LEU A 170 -1.97 -7.02 8.25
CA LEU A 170 -3.00 -6.38 9.09
C LEU A 170 -2.75 -6.54 10.59
N PRO A 171 -2.98 -5.48 11.37
CA PRO A 171 -2.78 -5.53 12.82
C PRO A 171 -3.81 -6.43 13.55
N PRO A 172 -3.61 -6.67 14.86
CA PRO A 172 -4.55 -7.53 15.59
C PRO A 172 -5.96 -6.97 15.66
N GLU A 173 -6.10 -5.69 15.93
CA GLU A 173 -7.41 -5.06 16.04
C GLU A 173 -8.20 -5.21 14.74
N MET A 174 -7.52 -5.22 13.61
CA MET A 174 -8.25 -5.30 12.36
C MET A 174 -8.68 -6.73 12.02
N ILE A 175 -7.86 -7.71 12.36
CA ILE A 175 -8.24 -9.06 12.02
C ILE A 175 -9.27 -9.57 13.02
N GLU A 176 -9.36 -8.91 14.15
CA GLU A 176 -10.32 -9.32 15.17
C GLU A 176 -11.64 -8.56 15.02
N GLY A 177 -11.69 -7.68 14.02
CA GLY A 177 -12.93 -7.00 13.68
C GLY A 177 -13.24 -5.90 14.65
N ARG A 178 -12.30 -5.67 15.57
CA ARG A 178 -12.46 -4.61 16.51
C ARG A 178 -12.37 -3.35 15.79
N MET A 179 -12.43 -2.27 16.54
CA MET A 179 -12.26 -1.03 15.94
C MET A 179 -10.80 -0.48 15.95
N HIS A 180 -10.51 0.33 14.92
CA HIS A 180 -9.19 0.75 14.57
C HIS A 180 -9.14 2.23 14.13
N ASP A 181 -7.93 2.76 14.09
CA ASP A 181 -7.67 4.11 13.63
C ASP A 181 -6.36 4.16 12.81
N GLU A 182 -5.78 5.35 12.73
CA GLU A 182 -4.48 5.58 12.07
C GLU A 182 -3.39 4.55 12.33
N LYS A 183 -3.31 4.11 13.57
CA LYS A 183 -2.22 3.24 14.01
C LYS A 183 -2.11 1.93 13.21
N VAL A 184 -3.15 1.60 12.44
CA VAL A 184 -3.09 0.42 11.59
C VAL A 184 -1.98 0.54 10.55
N ASP A 185 -1.77 1.75 10.05
CA ASP A 185 -0.78 1.97 8.99
C ASP A 185 0.62 1.89 9.58
N LEU A 186 0.72 2.03 10.90
CA LEU A 186 2.04 2.07 11.50
C LEU A 186 2.51 0.65 11.73
N TRP A 187 1.58 -0.21 12.12
CA TRP A 187 1.81 -1.66 12.16
C TRP A 187 2.25 -2.19 10.81
N SER A 188 1.53 -1.83 9.75
CA SER A 188 1.86 -2.33 8.42
C SER A 188 3.23 -1.81 7.99
N LEU A 189 3.60 -0.63 8.48
CA LEU A 189 4.95 -0.09 8.24
C LEU A 189 6.04 -0.97 8.86
N GLY A 190 5.79 -1.51 10.05
CA GLY A 190 6.73 -2.40 10.70
C GLY A 190 6.81 -3.73 9.97
N VAL A 191 5.68 -4.19 9.45
CA VAL A 191 5.64 -5.43 8.70
C VAL A 191 6.48 -5.30 7.42
N LEU A 192 6.34 -4.16 6.74
CA LEU A 192 7.10 -3.88 5.53
C LEU A 192 8.61 -3.78 5.79
N CYS A 193 8.97 -3.04 6.85
CA CYS A 193 10.38 -2.86 7.18
C CYS A 193 11.09 -4.20 7.38
N TYR A 194 10.42 -5.11 8.08
CA TYR A 194 10.95 -6.46 8.27
C TYR A 194 11.05 -7.18 6.92
N GLU A 195 9.98 -7.17 6.13
CA GLU A 195 9.98 -7.93 4.88
C GLU A 195 11.04 -7.38 3.92
N PHE A 196 11.26 -6.07 3.93
CA PHE A 196 12.29 -5.47 3.09
C PHE A 196 13.68 -6.07 3.42
N LEU A 197 13.99 -6.21 4.71
CA LEU A 197 15.32 -6.67 5.14
C LEU A 197 15.52 -8.20 5.15
N VAL A 198 14.43 -8.95 5.36
CA VAL A 198 14.49 -10.40 5.54
C VAL A 198 14.07 -11.18 4.30
N GLY A 199 13.10 -10.65 3.55
CA GLY A 199 12.66 -11.30 2.33
C GLY A 199 11.32 -11.99 2.47
N LYS A 200 10.74 -11.93 3.66
CA LYS A 200 9.42 -12.49 3.92
C LYS A 200 8.80 -11.75 5.10
N PRO A 201 7.46 -11.71 5.18
CA PRO A 201 6.84 -10.98 6.29
C PRO A 201 6.92 -11.78 7.59
N PRO A 202 6.98 -11.08 8.74
CA PRO A 202 7.28 -11.68 10.05
C PRO A 202 6.24 -12.67 10.60
N PHE A 203 5.00 -12.63 10.15
CA PHE A 203 3.97 -13.51 10.71
C PHE A 203 3.54 -14.59 9.73
N GLU A 204 4.29 -14.72 8.64
CA GLU A 204 3.97 -15.67 7.58
C GLU A 204 3.88 -17.11 8.10
N ALA A 205 2.78 -17.79 7.80
CA ALA A 205 2.61 -19.19 8.19
C ALA A 205 1.96 -19.99 7.05
N ASN A 206 1.80 -21.29 7.27
CA ASN A 206 1.30 -22.17 6.22
C ASN A 206 -0.20 -22.15 6.04
N THR A 207 -0.90 -21.67 7.05
CA THR A 207 -2.34 -21.64 6.97
C THR A 207 -2.87 -20.31 7.47
N TYR A 208 -4.08 -20.00 7.03
CA TYR A 208 -4.83 -18.86 7.48
C TYR A 208 -4.92 -18.85 8.99
N GLN A 209 -5.33 -20.00 9.52
CA GLN A 209 -5.57 -20.19 10.93
C GLN A 209 -4.31 -19.96 11.76
N GLU A 210 -3.20 -20.52 11.31
CA GLU A 210 -1.94 -20.33 12.01
C GLU A 210 -1.46 -18.88 11.91
N THR A 211 -1.59 -18.25 10.74
CA THR A 211 -1.19 -16.85 10.56
C THR A 211 -1.96 -15.94 11.50
N TYR A 212 -3.24 -16.24 11.66
CA TYR A 212 -4.09 -15.46 12.55
C TYR A 212 -3.60 -15.58 13.99
N LYS A 213 -3.22 -16.78 14.41
CA LYS A 213 -2.65 -16.96 15.75
C LYS A 213 -1.36 -16.16 15.92
N ARG A 214 -0.47 -16.23 14.94
CA ARG A 214 0.82 -15.55 15.06
C ARG A 214 0.69 -14.02 15.10
N ILE A 215 -0.25 -13.45 14.37
CA ILE A 215 -0.48 -11.99 14.46
C ILE A 215 -1.08 -11.57 15.81
N SER A 216 -2.10 -12.27 16.30
CA SER A 216 -2.76 -11.82 17.53
C SER A 216 -1.80 -11.91 18.73
N ARG A 217 -0.90 -12.88 18.72
CA ARG A 217 0.07 -13.01 19.81
C ARG A 217 1.42 -12.35 19.52
N VAL A 218 1.51 -11.64 18.39
CA VAL A 218 2.72 -10.96 17.94
C VAL A 218 3.98 -11.85 18.04
N GLU A 219 3.91 -13.03 17.42
CA GLU A 219 5.01 -14.00 17.48
C GLU A 219 5.92 -13.92 16.25
N PHE A 220 7.08 -13.29 16.40
CA PHE A 220 8.09 -13.22 15.33
C PHE A 220 9.52 -13.26 15.91
N THR A 221 10.47 -13.80 15.15
CA THR A 221 11.89 -13.67 15.49
C THR A 221 12.71 -13.09 14.33
N PHE A 222 13.83 -12.44 14.68
CA PHE A 222 14.77 -11.90 13.70
C PHE A 222 15.86 -12.88 13.31
N PRO A 223 16.30 -12.84 12.05
CA PRO A 223 17.53 -13.57 11.73
C PRO A 223 18.75 -12.85 12.29
N ASP A 224 19.86 -13.55 12.46
CA ASP A 224 21.06 -12.98 13.06
C ASP A 224 21.56 -11.73 12.31
N PHE A 225 21.38 -11.68 10.99
CA PHE A 225 21.95 -10.56 10.25
C PHE A 225 21.24 -9.22 10.47
N VAL A 226 20.03 -9.22 11.06
CA VAL A 226 19.34 -7.95 11.30
C VAL A 226 19.97 -7.15 12.45
N THR A 227 20.46 -5.95 12.13
CA THR A 227 21.21 -5.13 13.09
C THR A 227 20.34 -4.63 14.24
N GLU A 228 20.99 -4.12 15.28
CA GLU A 228 20.29 -3.73 16.51
C GLU A 228 19.33 -2.58 16.28
N GLY A 229 19.76 -1.62 15.46
CA GLY A 229 18.95 -0.45 15.17
C GLY A 229 17.71 -0.76 14.34
N ALA A 230 17.77 -1.79 13.51
CA ALA A 230 16.61 -2.20 12.72
C ALA A 230 15.64 -2.97 13.61
N ARG A 231 16.20 -3.82 14.47
CA ARG A 231 15.42 -4.55 15.48
C ARG A 231 14.66 -3.57 16.34
N ASP A 232 15.31 -2.45 16.65
CA ASP A 232 14.71 -1.49 17.56
C ASP A 232 13.49 -0.83 16.93
N LEU A 233 13.61 -0.41 15.67
CA LEU A 233 12.53 0.29 15.01
C LEU A 233 11.37 -0.66 14.72
N ILE A 234 11.70 -1.90 14.34
CA ILE A 234 10.68 -2.90 14.02
C ILE A 234 9.93 -3.38 15.27
N SER A 235 10.64 -3.53 16.38
CA SER A 235 9.99 -3.93 17.63
C SER A 235 9.04 -2.83 18.14
N ARG A 236 9.39 -1.58 17.89
CA ARG A 236 8.54 -0.47 18.29
C ARG A 236 7.22 -0.42 17.50
N LEU A 237 7.26 -0.74 16.21
CA LEU A 237 6.04 -0.65 15.40
C LEU A 237 5.08 -1.82 15.60
N LEU A 238 5.61 -2.98 15.95
CA LEU A 238 4.79 -4.19 16.09
C LEU A 238 4.35 -4.43 17.55
N LYS A 239 3.67 -3.42 18.09
CA LYS A 239 3.04 -3.47 19.42
C LYS A 239 1.60 -3.93 19.32
N HIS A 240 1.20 -4.88 20.15
CA HIS A 240 -0.19 -5.34 20.12
C HIS A 240 -1.16 -4.21 20.36
N ASN A 241 -0.76 -3.35 21.30
CA ASN A 241 -1.57 -2.23 21.73
C ASN A 241 -1.26 -1.04 20.84
N PRO A 242 -2.24 -0.63 20.02
CA PRO A 242 -2.07 0.44 19.03
C PRO A 242 -1.43 1.69 19.62
N SER A 243 -1.90 2.07 20.81
CA SER A 243 -1.45 3.30 21.46
C SER A 243 0.04 3.28 21.73
N GLN A 244 0.60 2.10 21.88
CA GLN A 244 2.03 2.01 22.15
C GLN A 244 2.88 2.11 20.88
N ARG A 245 2.24 2.08 19.71
CA ARG A 245 2.99 2.30 18.47
C ARG A 245 3.43 3.75 18.36
N PRO A 246 4.62 4.00 17.77
CA PRO A 246 5.11 5.39 17.65
C PRO A 246 4.28 6.28 16.74
N MET A 247 4.55 7.58 16.79
CA MET A 247 4.08 8.55 15.79
C MET A 247 4.99 8.46 14.58
N LEU A 248 4.55 9.00 13.45
CA LEU A 248 5.35 8.94 12.24
C LEU A 248 6.58 9.84 12.29
N ARG A 249 6.54 10.90 13.10
CA ARG A 249 7.71 11.77 13.25
C ARG A 249 8.82 11.00 13.97
N GLU A 250 8.41 10.15 14.90
CA GLU A 250 9.34 9.27 15.59
C GLU A 250 9.96 8.23 14.65
N VAL A 251 9.25 7.85 13.60
CA VAL A 251 9.83 6.92 12.62
C VAL A 251 10.86 7.67 11.78
N LEU A 252 10.47 8.84 11.29
CA LEU A 252 11.34 9.65 10.41
C LEU A 252 12.61 10.16 11.10
N GLU A 253 12.60 10.31 12.42
CA GLU A 253 13.79 10.79 13.09
C GLU A 253 14.48 9.69 13.95
N HIS A 254 14.08 8.43 13.77
CA HIS A 254 14.80 7.29 14.37
C HIS A 254 16.22 7.23 13.79
N PRO A 255 17.24 7.03 14.64
CA PRO A 255 18.67 6.98 14.31
C PRO A 255 19.04 6.06 13.15
N TRP A 256 18.49 4.85 13.17
CA TRP A 256 18.74 3.89 12.11
C TRP A 256 18.25 4.48 10.77
N ILE A 257 17.05 5.04 10.78
CA ILE A 257 16.51 5.73 9.61
C ILE A 257 17.41 6.91 9.18
N THR A 258 17.85 7.72 10.14
CA THR A 258 18.67 8.88 9.80
C THR A 258 20.05 8.48 9.27
N ALA A 259 20.60 7.40 9.80
CA ALA A 259 21.92 6.96 9.36
C ALA A 259 21.89 6.34 7.96
N ASN A 260 20.77 5.76 7.59
CA ASN A 260 20.77 4.89 6.43
C ASN A 260 19.99 5.42 5.24
N SER A 261 18.92 6.16 5.49
CA SER A 261 18.08 6.66 4.41
C SER A 261 18.75 7.76 3.61
N SER A 262 18.51 7.82 2.32
CA SER A 262 19.20 8.81 1.49
C SER A 262 18.27 9.94 1.01
N LYS A 263 17.05 9.96 1.52
CA LYS A 263 16.19 11.13 1.29
C LYS A 263 15.72 11.71 2.62
N PRO A 264 15.30 12.98 2.62
CA PRO A 264 14.92 13.64 3.87
C PRO A 264 13.44 13.65 4.23
N SER A 265 13.15 14.17 5.41
CA SER A 265 11.82 14.37 5.95
C SER A 265 11.17 15.62 5.36
PB ADP B . -6.38 -3.98 -7.22
O1B ADP B . -7.31 -2.93 -6.66
O2B ADP B . -7.11 -5.06 -7.96
O3B ADP B . -5.36 -4.52 -6.24
PA ADP B . -4.33 -2.21 -8.20
O1A ADP B . -4.77 -0.79 -8.44
O2A ADP B . -3.57 -2.57 -6.94
O3A ADP B . -5.56 -3.26 -8.40
O5' ADP B . -3.41 -2.62 -9.46
C5' ADP B . -3.16 -4.01 -9.74
C4' ADP B . -1.74 -4.20 -10.26
O4' ADP B . -1.56 -3.56 -11.53
C3' ADP B . -0.70 -3.59 -9.32
O3' ADP B . -0.27 -4.51 -8.32
C2' ADP B . 0.42 -3.22 -10.28
O2' ADP B . 1.21 -4.38 -10.53
C1' ADP B . -0.31 -2.88 -11.57
N9 ADP B . -0.59 -1.42 -11.56
C8 ADP B . -1.65 -0.81 -10.99
N7 ADP B . -1.60 0.53 -11.17
C5 ADP B . -0.48 0.80 -11.87
C6 ADP B . 0.18 2.01 -12.42
N6 ADP B . -0.36 3.24 -12.23
N1 ADP B . 1.33 1.85 -13.10
C2 ADP B . 1.88 0.62 -13.29
N3 ADP B . 1.34 -0.52 -12.82
C4 ADP B . 0.18 -0.49 -12.13
MG MG C . -3.85 -3.65 -5.30
MG MG D . -8.54 -2.80 -4.87
C7 A5E E . -7.03 11.77 -19.89
C4 A5E E . -5.48 13.10 -18.40
C5 A5E E . -4.82 12.37 -19.40
C6 A5E E . -5.70 11.63 -20.21
C3 A5E E . -4.91 14.00 -17.37
C2 A5E E . -5.90 14.66 -16.45
C1 A5E E . -5.31 15.62 -15.43
O A5E E . -3.21 16.61 -14.84
C A5E E . -3.80 15.81 -15.58
N1 A5E E . -3.14 15.11 -16.51
N A5E E . -3.64 14.18 -17.35
S A5E E . -7.15 12.82 -18.56
#